data_2C43
#
_entry.id   2C43
#
_cell.length_a   65.589
_cell.length_b   68.957
_cell.length_c   70.745
_cell.angle_alpha   90.00
_cell.angle_beta   90.00
_cell.angle_gamma   90.00
#
_symmetry.space_group_name_H-M   'P 21 21 21'
#
loop_
_entity.id
_entity.type
_entity.pdbx_description
1 polymer 'AMINOADIPATE-SEMIALDEHYDE DEHYDROGENASE-PHOSPHOPANTETHEINYL TRANSFERASE'
2 non-polymer 'COENZYME A'
3 non-polymer 'MAGNESIUM ION'
4 non-polymer 'CHLORIDE ION'
5 water water
#
_entity_poly.entity_id   1
_entity_poly.type   'polypeptide(L)'
_entity_poly.pdbx_seq_one_letter_code
;MGSSHHHHHHHSSGRENLYFQGHMEGVRWAFSCGTWLPSRAEWLLAVRSIQPEEKERIGQFVFARDAKAAMAGRLMIRKL
VAEKLNIPWNHIRLQRTAKGKPVLAKDSSNPYPNFNFNISHQGDYAVLAAEPELQVGIDIMKTSFPGRGSIPEFFHIMKR
KFTNKEWETIRSFKDEWTQLDMFYRNWALKESFIKAIGVGLGFELQRLEFDLSPLNLDIGQVYKETRLFLDGEEEKEWAF
EESKIDEHHFVAVALRKPDGSRHQDVPSQDDSKPTQRQFTILNFNDLMSSAVPMTPEDPSFWDCFCFTEEIPIRNGTKSL
ESG
;
_entity_poly.pdbx_strand_id   A
#
loop_
_chem_comp.id
_chem_comp.type
_chem_comp.name
_chem_comp.formula
CL non-polymer 'CHLORIDE ION' 'Cl -1'
COA non-polymer 'COENZYME A' 'C21 H36 N7 O16 P3 S'
MG non-polymer 'MAGNESIUM ION' 'Mg 2'
#
# COMPACT_ATOMS: atom_id res chain seq x y z
N LEU A 18 14.11 -14.64 27.34
CA LEU A 18 13.90 -16.08 27.73
C LEU A 18 14.49 -17.06 26.68
N TYR A 19 14.27 -16.82 25.38
CA TYR A 19 14.69 -17.73 24.28
C TYR A 19 15.63 -17.14 23.20
N PHE A 20 16.49 -18.01 22.65
CA PHE A 20 17.49 -17.63 21.64
C PHE A 20 16.82 -17.47 20.28
N GLN A 21 16.32 -16.26 20.03
CA GLN A 21 15.32 -16.01 19.02
C GLN A 21 15.30 -14.51 18.61
N GLY A 22 14.95 -14.23 17.37
CA GLY A 22 14.82 -12.85 16.94
C GLY A 22 13.44 -12.34 17.24
N HIS A 23 13.28 -11.03 17.31
CA HIS A 23 11.97 -10.43 17.54
C HIS A 23 11.62 -9.46 16.40
N MET A 24 10.51 -9.72 15.74
CA MET A 24 10.13 -8.92 14.60
C MET A 24 10.03 -7.45 15.00
N GLU A 25 10.54 -6.56 14.12
CA GLU A 25 10.34 -5.11 14.19
C GLU A 25 9.35 -4.70 13.10
N GLY A 26 8.99 -3.43 13.06
CA GLY A 26 8.10 -2.92 12.01
C GLY A 26 8.79 -3.08 10.67
N VAL A 27 8.04 -3.46 9.64
CA VAL A 27 8.64 -3.68 8.31
C VAL A 27 8.08 -2.62 7.39
N ARG A 28 8.95 -1.94 6.63
CA ARG A 28 8.50 -0.96 5.60
C ARG A 28 9.23 -1.29 4.27
N TRP A 29 8.54 -1.93 3.33
CA TRP A 29 9.13 -2.37 2.04
C TRP A 29 8.40 -1.80 0.81
N ALA A 30 9.12 -1.45 -0.25
CA ALA A 30 8.51 -0.98 -1.50
C ALA A 30 9.10 -1.79 -2.62
N PHE A 31 8.42 -1.81 -3.75
CA PHE A 31 8.95 -2.45 -4.92
C PHE A 31 8.52 -1.66 -6.14
N SER A 32 9.45 -1.32 -7.02
CA SER A 32 9.09 -0.65 -8.24
C SER A 32 8.57 -1.62 -9.31
N CYS A 33 7.29 -1.90 -9.22
CA CYS A 33 6.64 -2.73 -10.23
C CYS A 33 6.61 -2.04 -11.60
N GLY A 34 6.68 -0.71 -11.63
CA GLY A 34 6.50 0.07 -12.86
C GLY A 34 7.70 -0.03 -13.78
N THR A 35 8.86 -0.37 -13.20
CA THR A 35 10.10 -0.54 -13.97
C THR A 35 10.61 -1.99 -13.98
N TRP A 36 9.83 -2.90 -13.40
CA TRP A 36 10.14 -4.31 -13.35
C TRP A 36 9.82 -4.88 -14.70
N LEU A 37 10.81 -5.53 -15.33
CA LEU A 37 10.63 -6.15 -16.63
C LEU A 37 11.15 -7.60 -16.56
N PRO A 38 10.31 -8.50 -16.06
CA PRO A 38 10.71 -9.87 -15.90
C PRO A 38 10.78 -10.63 -17.22
N SER A 39 11.67 -11.61 -17.34
CA SER A 39 11.60 -12.46 -18.49
C SER A 39 10.33 -13.32 -18.35
N ARG A 40 10.04 -14.10 -19.38
CA ARG A 40 8.88 -14.96 -19.35
C ARG A 40 9.04 -16.03 -18.31
N ALA A 41 10.21 -16.63 -18.22
CA ALA A 41 10.45 -17.63 -17.21
C ALA A 41 10.31 -17.06 -15.83
N GLU A 42 10.77 -15.82 -15.63
CA GLU A 42 10.65 -15.18 -14.30
C GLU A 42 9.18 -14.85 -13.92
N TRP A 43 8.44 -14.30 -14.87
CA TRP A 43 7.01 -14.08 -14.66
C TRP A 43 6.33 -15.41 -14.31
N LEU A 44 6.55 -16.47 -15.08
CA LEU A 44 5.80 -17.71 -14.85
C LEU A 44 6.22 -18.37 -13.54
N LEU A 45 7.48 -18.21 -13.14
CA LEU A 45 7.93 -18.71 -11.85
C LEU A 45 7.20 -18.03 -10.70
N ALA A 46 7.06 -16.72 -10.82
CA ALA A 46 6.32 -15.94 -9.84
C ALA A 46 4.84 -16.34 -9.71
N VAL A 47 4.19 -16.52 -10.87
CA VAL A 47 2.81 -17.03 -10.96
C VAL A 47 2.68 -18.39 -10.23
N ARG A 48 3.68 -19.27 -10.39
CA ARG A 48 3.68 -20.55 -9.68
C ARG A 48 3.83 -20.45 -8.16
N SER A 49 4.35 -19.32 -7.67
CA SER A 49 4.80 -19.18 -6.29
C SER A 49 3.74 -18.59 -5.36
N ILE A 50 2.53 -18.39 -5.86
CA ILE A 50 1.44 -17.83 -5.08
C ILE A 50 0.22 -18.77 -4.98
N GLN A 51 -0.76 -18.40 -4.18
CA GLN A 51 -1.91 -19.27 -4.00
C GLN A 51 -2.75 -19.31 -5.25
N PRO A 52 -3.40 -20.47 -5.52
CA PRO A 52 -4.19 -20.67 -6.75
C PRO A 52 -5.29 -19.62 -6.97
N GLU A 53 -6.00 -19.28 -5.91
CA GLU A 53 -7.06 -18.33 -6.04
C GLU A 53 -6.51 -16.94 -6.29
N GLU A 54 -5.32 -16.64 -5.81
CA GLU A 54 -4.71 -15.36 -6.10
C GLU A 54 -4.20 -15.31 -7.52
N LYS A 55 -3.72 -16.44 -8.00
CA LYS A 55 -3.25 -16.59 -9.38
C LYS A 55 -4.41 -16.39 -10.34
N GLU A 56 -5.53 -17.03 -10.03
CA GLU A 56 -6.75 -16.83 -10.82
C GLU A 56 -7.13 -15.34 -10.90
N ARG A 57 -7.09 -14.67 -9.76
CA ARG A 57 -7.45 -13.25 -9.68
C ARG A 57 -6.54 -12.39 -10.57
N ILE A 58 -5.26 -12.66 -10.52
CA ILE A 58 -4.28 -11.95 -11.34
C ILE A 58 -4.44 -12.24 -12.84
N GLY A 59 -4.82 -13.47 -13.19
CA GLY A 59 -5.03 -13.82 -14.58
C GLY A 59 -6.20 -13.15 -15.27
N GLN A 60 -7.05 -12.53 -14.48
CA GLN A 60 -8.21 -11.82 -14.97
C GLN A 60 -8.02 -10.33 -15.10
N PHE A 61 -6.91 -9.76 -14.63
CA PHE A 61 -6.63 -8.33 -14.89
C PHE A 61 -6.41 -8.14 -16.38
N VAL A 62 -6.86 -7.02 -16.93
CA VAL A 62 -6.75 -6.81 -18.37
C VAL A 62 -5.34 -6.36 -18.71
N PHE A 63 -4.81 -5.42 -17.89
CA PHE A 63 -3.50 -4.81 -18.12
C PHE A 63 -2.37 -5.35 -17.27
N ALA A 64 -1.26 -5.50 -17.94
CA ALA A 64 -0.04 -5.96 -17.35
C ALA A 64 0.39 -5.19 -16.12
N ARG A 65 0.19 -3.87 -16.13
CA ARG A 65 0.74 -3.08 -14.98
C ARG A 65 -0.01 -3.45 -13.71
N ASP A 66 -1.27 -3.86 -13.86
CA ASP A 66 -2.10 -4.25 -12.72
C ASP A 66 -1.77 -5.66 -12.23
N ALA A 67 -1.46 -6.52 -13.18
CA ALA A 67 -1.06 -7.89 -12.83
C ALA A 67 0.28 -7.84 -12.12
N LYS A 68 1.19 -7.01 -12.62
CA LYS A 68 2.48 -6.85 -11.98
C LYS A 68 2.44 -6.28 -10.57
N ALA A 69 1.54 -5.32 -10.35
CA ALA A 69 1.40 -4.69 -9.07
C ALA A 69 0.88 -5.61 -8.02
N ALA A 70 -0.12 -6.40 -8.40
CA ALA A 70 -0.78 -7.34 -7.52
C ALA A 70 0.08 -8.55 -7.19
N MET A 71 0.78 -9.05 -8.19
CA MET A 71 1.84 -10.04 -8.01
C MET A 71 2.92 -9.61 -7.01
N ALA A 72 3.47 -8.45 -7.25
CA ALA A 72 4.39 -7.88 -6.31
C ALA A 72 3.84 -7.84 -4.89
N GLY A 73 2.60 -7.37 -4.71
CA GLY A 73 2.00 -7.39 -3.37
C GLY A 73 1.95 -8.77 -2.72
N ARG A 74 1.48 -9.76 -3.45
CA ARG A 74 1.46 -11.12 -2.93
C ARG A 74 2.82 -11.63 -2.53
N LEU A 75 3.84 -11.32 -3.33
CA LEU A 75 5.16 -11.87 -3.09
C LEU A 75 5.78 -11.19 -1.90
N MET A 76 5.42 -9.93 -1.67
CA MET A 76 5.91 -9.19 -0.53
C MET A 76 5.29 -9.74 0.72
N ILE A 77 4.01 -10.04 0.69
CA ILE A 77 3.37 -10.62 1.88
C ILE A 77 3.93 -12.00 2.24
N ARG A 78 4.17 -12.83 1.23
CA ARG A 78 4.77 -14.15 1.45
C ARG A 78 6.24 -14.05 1.95
N LYS A 79 6.99 -13.10 1.43
CA LYS A 79 8.36 -12.96 1.89
C LYS A 79 8.33 -12.56 3.37
N LEU A 80 7.42 -11.65 3.71
CA LEU A 80 7.24 -11.17 5.09
C LEU A 80 6.98 -12.31 6.06
N VAL A 81 5.94 -13.10 5.81
CA VAL A 81 5.59 -14.18 6.72
C VAL A 81 6.74 -15.19 6.74
N ALA A 82 7.23 -15.60 5.57
CA ALA A 82 8.30 -16.60 5.55
C ALA A 82 9.52 -16.20 6.42
N GLU A 83 9.93 -14.94 6.29
CA GLU A 83 11.19 -14.46 6.84
C GLU A 83 11.05 -13.84 8.23
N LYS A 84 9.89 -13.29 8.58
CA LYS A 84 9.71 -12.69 9.88
C LYS A 84 9.05 -13.65 10.83
N LEU A 85 8.30 -14.62 10.32
CA LEU A 85 7.65 -15.65 11.18
C LEU A 85 8.28 -17.04 10.98
N ASN A 86 9.25 -17.15 10.07
CA ASN A 86 9.98 -18.37 9.84
CA ASN A 86 9.98 -18.40 9.85
C ASN A 86 9.05 -19.56 9.48
N ILE A 87 8.03 -19.29 8.66
CA ILE A 87 7.13 -20.33 8.12
C ILE A 87 7.53 -20.72 6.69
N PRO A 88 7.75 -22.00 6.40
CA PRO A 88 8.01 -22.37 5.01
C PRO A 88 7.00 -21.78 4.02
N TRP A 89 7.53 -21.18 2.97
CA TRP A 89 6.72 -20.53 1.96
C TRP A 89 5.48 -21.31 1.51
N ASN A 90 5.69 -22.60 1.20
CA ASN A 90 4.64 -23.52 0.76
C ASN A 90 3.65 -23.90 1.85
N HIS A 91 3.94 -23.53 3.09
CA HIS A 91 3.02 -23.74 4.18
C HIS A 91 2.31 -22.46 4.65
N ILE A 92 2.55 -21.32 3.99
CA ILE A 92 1.85 -20.07 4.35
C ILE A 92 0.43 -20.16 3.82
N ARG A 93 -0.54 -19.98 4.71
CA ARG A 93 -1.96 -19.95 4.36
C ARG A 93 -2.54 -18.58 4.61
N LEU A 94 -2.61 -17.79 3.54
CA LEU A 94 -3.16 -16.46 3.57
C LEU A 94 -4.64 -16.53 3.23
N GLN A 95 -5.44 -15.74 3.92
CA GLN A 95 -6.87 -15.69 3.71
C GLN A 95 -7.26 -14.23 3.53
N ARG A 96 -8.56 -13.98 3.40
CA ARG A 96 -9.08 -12.64 3.23
C ARG A 96 -10.33 -12.51 4.06
N THR A 97 -10.51 -11.38 4.72
CA THR A 97 -11.73 -11.12 5.45
C THR A 97 -12.88 -11.01 4.47
N ALA A 98 -14.07 -10.87 5.01
CA ALA A 98 -15.25 -10.74 4.19
C ALA A 98 -15.23 -9.49 3.37
N LYS A 99 -14.47 -8.48 3.82
CA LYS A 99 -14.32 -7.21 3.09
C LYS A 99 -13.06 -7.14 2.19
N GLY A 100 -12.45 -8.29 1.95
CA GLY A 100 -11.31 -8.43 1.06
C GLY A 100 -9.92 -8.37 1.62
N LYS A 101 -9.82 -8.12 2.93
CA LYS A 101 -8.50 -7.82 3.53
C LYS A 101 -7.65 -9.06 3.75
N PRO A 102 -6.48 -9.12 3.07
CA PRO A 102 -5.60 -10.23 3.38
C PRO A 102 -5.21 -10.34 4.86
N VAL A 103 -5.31 -11.56 5.39
CA VAL A 103 -4.86 -11.89 6.73
C VAL A 103 -4.17 -13.24 6.75
N LEU A 104 -3.32 -13.44 7.75
CA LEU A 104 -2.69 -14.71 7.95
C LEU A 104 -3.66 -15.61 8.68
N ALA A 105 -3.91 -16.82 8.16
CA ALA A 105 -4.76 -17.79 8.88
C ALA A 105 -4.43 -17.95 10.40
N LYS A 106 -5.49 -18.00 11.22
CA LYS A 106 -5.45 -18.15 12.71
C LYS A 106 -4.50 -19.23 13.21
N ASP A 107 -3.61 -18.84 14.13
CA ASP A 107 -2.25 -19.43 14.33
C ASP A 107 -1.89 -20.59 13.40
N ASN A 110 1.98 -15.04 14.74
CA ASN A 110 2.64 -16.29 15.19
C ASN A 110 2.68 -16.49 16.73
N PRO A 111 3.83 -16.21 17.35
CA PRO A 111 3.86 -15.92 18.78
C PRO A 111 3.68 -14.44 19.12
N TYR A 112 3.15 -13.64 18.20
CA TYR A 112 3.14 -12.17 18.36
C TYR A 112 1.79 -11.68 18.86
N PRO A 113 1.78 -10.54 19.59
CA PRO A 113 0.48 -10.08 20.14
C PRO A 113 -0.57 -9.78 19.05
N ASN A 114 -0.17 -9.15 17.96
CA ASN A 114 -1.10 -8.75 16.94
C ASN A 114 -0.38 -8.62 15.62
N PHE A 115 0.34 -9.66 15.22
CA PHE A 115 0.94 -9.67 13.88
C PHE A 115 -0.08 -9.31 12.80
N ASN A 116 0.24 -8.31 12.01
CA ASN A 116 -0.64 -7.93 10.93
C ASN A 116 0.13 -7.11 9.91
N PHE A 117 -0.45 -7.00 8.72
CA PHE A 117 0.24 -6.42 7.59
C PHE A 117 -0.79 -5.80 6.65
N ASN A 118 -0.33 -4.92 5.78
CA ASN A 118 -1.21 -4.29 4.78
C ASN A 118 -0.32 -3.82 3.62
N ILE A 119 -0.87 -3.92 2.40
CA ILE A 119 -0.24 -3.36 1.23
C ILE A 119 -1.13 -2.36 0.49
N SER A 120 -0.46 -1.62 -0.40
CA SER A 120 -1.06 -0.73 -1.37
C SER A 120 -0.20 -0.72 -2.64
N HIS A 121 -0.85 -0.57 -3.79
CA HIS A 121 -0.10 -0.44 -5.04
C HIS A 121 -0.73 0.54 -6.03
N GLN A 122 0.05 1.57 -6.37
CA GLN A 122 -0.40 2.79 -7.13
C GLN A 122 0.81 3.51 -7.77
N GLY A 123 0.56 4.23 -8.82
CA GLY A 123 1.62 4.62 -9.70
C GLY A 123 2.49 3.39 -10.02
N ASP A 124 3.74 3.50 -9.65
CA ASP A 124 4.76 2.64 -10.14
C ASP A 124 5.32 1.73 -9.03
N TYR A 125 4.61 1.68 -7.90
CA TYR A 125 5.11 1.03 -6.70
C TYR A 125 4.08 0.18 -6.03
N ALA A 126 4.58 -0.89 -5.40
CA ALA A 126 3.88 -1.64 -4.38
C ALA A 126 4.58 -1.33 -3.05
N VAL A 127 3.81 -1.10 -1.99
CA VAL A 127 4.34 -0.83 -0.66
C VAL A 127 3.70 -1.76 0.38
N LEU A 128 4.50 -2.21 1.33
CA LEU A 128 4.03 -3.02 2.45
C LEU A 128 4.49 -2.42 3.75
N ALA A 129 3.56 -2.41 4.73
CA ALA A 129 3.88 -2.18 6.14
C ALA A 129 3.41 -3.38 6.95
N ALA A 130 4.19 -3.73 7.99
CA ALA A 130 3.83 -4.76 8.94
C ALA A 130 4.38 -4.48 10.33
N GLU A 131 3.73 -5.10 11.31
CA GLU A 131 3.98 -4.86 12.72
C GLU A 131 3.59 -6.09 13.52
N PRO A 132 4.37 -6.36 14.57
CA PRO A 132 4.05 -7.43 15.49
C PRO A 132 2.95 -7.10 16.49
N GLU A 133 2.79 -5.82 16.86
CA GLU A 133 1.73 -5.45 17.79
C GLU A 133 0.80 -4.35 17.31
N LEU A 134 1.33 -3.26 16.77
CA LEU A 134 0.45 -2.17 16.34
C LEU A 134 -0.39 -2.57 15.11
N GLN A 135 -1.66 -2.18 15.13
CA GLN A 135 -2.57 -2.38 14.02
C GLN A 135 -2.12 -1.42 12.94
N VAL A 136 -1.98 -1.92 11.72
CA VAL A 136 -1.29 -1.18 10.65
C VAL A 136 -2.12 -1.08 9.38
N GLY A 137 -2.06 0.10 8.76
CA GLY A 137 -2.63 0.37 7.46
C GLY A 137 -1.71 1.18 6.59
N ILE A 138 -1.83 1.03 5.27
CA ILE A 138 -0.96 1.75 4.34
C ILE A 138 -1.70 2.17 3.09
N ASP A 139 -1.35 3.35 2.58
CA ASP A 139 -1.77 3.80 1.25
C ASP A 139 -0.70 4.56 0.50
N ILE A 140 -0.60 4.35 -0.81
CA ILE A 140 0.28 5.12 -1.69
C ILE A 140 -0.56 5.89 -2.71
N MET A 141 -0.28 7.17 -2.90
CA MET A 141 -0.96 7.96 -3.95
C MET A 141 0.08 8.76 -4.73
N LYS A 142 -0.13 8.84 -6.04
CA LYS A 142 0.68 9.67 -6.95
C LYS A 142 -0.08 10.93 -7.34
N THR A 143 0.53 12.10 -7.21
CA THR A 143 -0.07 13.34 -7.68
C THR A 143 -0.06 13.33 -9.19
N SER A 144 -1.22 13.59 -9.77
CA SER A 144 -1.39 13.66 -11.22
C SER A 144 -2.45 14.75 -11.52
N PHE A 145 -2.25 15.52 -12.57
CA PHE A 145 -3.27 16.49 -12.98
C PHE A 145 -4.59 15.73 -13.18
N PRO A 146 -5.74 16.37 -12.92
CA PRO A 146 -7.03 15.72 -13.18
C PRO A 146 -7.20 15.13 -14.59
N GLY A 147 -7.88 13.99 -14.70
CA GLY A 147 -8.20 13.40 -16.00
C GLY A 147 -9.25 14.12 -16.83
N ARG A 148 -10.09 14.87 -16.15
CA ARG A 148 -11.11 15.63 -16.79
C ARG A 148 -11.30 16.92 -15.94
N GLY A 149 -11.52 18.04 -16.62
CA GLY A 149 -11.76 19.32 -15.96
C GLY A 149 -10.56 19.96 -15.26
N SER A 150 -10.80 21.14 -14.68
CA SER A 150 -9.75 21.93 -14.06
C SER A 150 -9.51 21.37 -12.72
N ILE A 151 -8.47 21.84 -12.07
CA ILE A 151 -8.26 21.46 -10.67
C ILE A 151 -9.44 21.85 -9.78
N PRO A 152 -9.90 23.12 -9.82
CA PRO A 152 -11.08 23.50 -9.04
C PRO A 152 -12.35 22.67 -9.25
N GLU A 153 -12.59 22.20 -10.47
CA GLU A 153 -13.72 21.34 -10.78
C GLU A 153 -13.54 19.97 -10.18
N PHE A 154 -12.32 19.47 -10.26
CA PHE A 154 -11.95 18.25 -9.59
C PHE A 154 -12.22 18.34 -8.09
N PHE A 155 -11.73 19.41 -7.45
CA PHE A 155 -11.98 19.61 -6.00
C PHE A 155 -13.46 19.70 -5.66
N HIS A 156 -14.24 20.29 -6.55
CA HIS A 156 -15.67 20.37 -6.30
C HIS A 156 -16.31 19.00 -6.46
N ILE A 157 -15.87 18.23 -7.46
CA ILE A 157 -16.37 16.86 -7.61
C ILE A 157 -15.97 16.03 -6.40
N MET A 158 -14.77 16.24 -5.87
CA MET A 158 -14.28 15.44 -4.75
C MET A 158 -14.61 16.01 -3.35
N LYS A 159 -15.46 17.03 -3.28
CA LYS A 159 -15.71 17.82 -2.09
C LYS A 159 -16.03 16.99 -0.88
N ARG A 160 -16.82 15.94 -1.07
CA ARG A 160 -17.34 15.19 0.08
C ARG A 160 -16.33 14.32 0.86
N LYS A 161 -15.15 14.18 0.28
CA LYS A 161 -14.13 13.36 0.88
C LYS A 161 -13.37 14.02 1.99
N PHE A 162 -13.39 15.36 2.05
CA PHE A 162 -12.58 16.12 3.03
C PHE A 162 -13.44 17.13 3.77
N THR A 163 -13.09 17.41 5.02
CA THR A 163 -13.85 18.32 5.85
C THR A 163 -13.52 19.71 5.45
N ASN A 164 -14.35 20.64 5.90
CA ASN A 164 -14.09 22.07 5.85
C ASN A 164 -12.67 22.47 6.23
N LYS A 165 -12.20 22.08 7.40
CA LYS A 165 -10.84 22.45 7.85
C LYS A 165 -9.76 21.81 6.95
N GLU A 166 -10.01 20.60 6.45
CA GLU A 166 -9.03 19.87 5.64
C GLU A 166 -8.94 20.61 4.30
N TRP A 167 -10.09 21.00 3.75
CA TRP A 167 -10.09 21.83 2.52
C TRP A 167 -9.40 23.19 2.67
N GLU A 168 -9.53 23.77 3.84
CA GLU A 168 -8.90 25.06 4.12
C GLU A 168 -7.40 24.91 4.07
N THR A 169 -6.87 23.79 4.56
CA THR A 169 -5.46 23.54 4.48
C THR A 169 -5.07 23.27 3.01
N ILE A 170 -5.79 22.37 2.37
CA ILE A 170 -5.47 22.00 0.98
C ILE A 170 -5.42 23.24 0.08
N ARG A 171 -6.39 24.13 0.26
CA ARG A 171 -6.56 25.28 -0.64
C ARG A 171 -5.77 26.50 -0.19
N SER A 172 -4.99 26.38 0.87
CA SER A 172 -4.23 27.52 1.40
C SER A 172 -2.98 27.88 0.60
N PHE A 173 -2.54 27.02 -0.31
CA PHE A 173 -1.33 27.27 -1.07
C PHE A 173 -1.71 28.07 -2.28
N LYS A 174 -0.79 28.86 -2.78
CA LYS A 174 -1.07 29.73 -3.93
C LYS A 174 -1.03 28.84 -5.18
N ASP A 175 -0.03 27.99 -5.21
CA ASP A 175 0.21 27.08 -6.30
C ASP A 175 -0.81 25.92 -6.32
N GLU A 176 -1.64 25.89 -7.35
CA GLU A 176 -2.63 24.82 -7.54
C GLU A 176 -2.05 23.40 -7.53
N TRP A 177 -0.82 23.24 -8.03
CA TRP A 177 -0.16 21.94 -8.02
C TRP A 177 0.17 21.51 -6.60
N THR A 178 0.66 22.45 -5.81
CA THR A 178 0.85 22.21 -4.37
C THR A 178 -0.46 21.85 -3.65
N GLN A 179 -1.57 22.47 -4.04
CA GLN A 179 -2.87 22.07 -3.48
C GLN A 179 -3.16 20.61 -3.83
N LEU A 180 -2.86 20.24 -5.07
CA LEU A 180 -3.03 18.85 -5.56
C LEU A 180 -2.23 17.86 -4.73
N ASP A 181 -0.95 18.17 -4.51
CA ASP A 181 -0.12 17.34 -3.65
C ASP A 181 -0.77 17.14 -2.29
N MET A 182 -1.27 18.24 -1.74
CA MET A 182 -1.82 18.23 -0.41
C MET A 182 -3.11 17.42 -0.37
N PHE A 183 -3.86 17.46 -1.47
CA PHE A 183 -5.08 16.63 -1.66
C PHE A 183 -4.77 15.18 -1.63
N TYR A 184 -3.82 14.78 -2.44
CA TYR A 184 -3.35 13.39 -2.43
C TYR A 184 -2.73 12.93 -1.14
N ARG A 185 -2.07 13.81 -0.41
CA ARG A 185 -1.50 13.44 0.89
C ARG A 185 -2.58 13.18 1.90
N ASN A 186 -3.63 13.99 1.86
CA ASN A 186 -4.73 13.83 2.80
C ASN A 186 -5.56 12.62 2.44
N TRP A 187 -5.67 12.32 1.14
CA TRP A 187 -6.32 11.08 0.69
C TRP A 187 -5.60 9.83 1.21
N ALA A 188 -4.29 9.76 0.99
CA ALA A 188 -3.46 8.63 1.48
C ALA A 188 -3.57 8.39 2.99
N LEU A 189 -3.51 9.48 3.74
CA LEU A 189 -3.79 9.46 5.17
C LEU A 189 -5.14 8.85 5.59
N LYS A 190 -6.26 9.36 5.07
CA LYS A 190 -7.58 8.74 5.33
C LYS A 190 -7.68 7.31 4.88
N GLU A 191 -7.23 7.01 3.67
CA GLU A 191 -7.31 5.61 3.22
C GLU A 191 -6.44 4.64 4.07
N SER A 192 -5.31 5.12 4.60
CA SER A 192 -4.50 4.32 5.51
C SER A 192 -5.22 3.95 6.79
N PHE A 193 -5.94 4.91 7.38
CA PHE A 193 -6.81 4.67 8.54
C PHE A 193 -7.89 3.60 8.24
N ILE A 194 -8.66 3.85 7.20
CA ILE A 194 -9.67 2.93 6.75
C ILE A 194 -9.14 1.49 6.48
N LYS A 195 -7.99 1.39 5.87
CA LYS A 195 -7.39 0.09 5.62
C LYS A 195 -6.87 -0.61 6.89
N ALA A 196 -6.35 0.19 7.82
CA ALA A 196 -5.99 -0.33 9.14
C ALA A 196 -7.12 -1.06 9.86
N ILE A 197 -8.32 -0.55 9.78
CA ILE A 197 -9.44 -1.11 10.50
C ILE A 197 -10.26 -2.05 9.62
N GLY A 198 -9.92 -2.14 8.34
CA GLY A 198 -10.42 -3.18 7.46
C GLY A 198 -11.84 -3.04 6.97
N VAL A 199 -12.44 -1.88 7.17
CA VAL A 199 -13.89 -1.74 6.85
C VAL A 199 -14.25 -1.66 5.35
N GLY A 200 -13.26 -1.52 4.49
CA GLY A 200 -13.49 -1.43 3.05
C GLY A 200 -14.21 -0.17 2.59
N LEU A 201 -15.33 -0.37 1.91
CA LEU A 201 -16.14 0.73 1.39
C LEU A 201 -17.24 1.12 2.30
N GLY A 202 -17.64 2.39 2.17
CA GLY A 202 -18.77 2.89 2.92
C GLY A 202 -18.46 3.61 4.23
N PHE A 203 -17.21 3.73 4.64
CA PHE A 203 -16.91 4.50 5.84
C PHE A 203 -17.18 5.94 5.51
N GLU A 204 -17.89 6.67 6.39
CA GLU A 204 -18.16 8.12 6.16
C GLU A 204 -16.93 9.00 6.40
N LEU A 205 -16.42 9.57 5.32
CA LEU A 205 -15.18 10.28 5.32
C LEU A 205 -15.24 11.62 6.05
N GLN A 206 -16.42 12.23 6.13
CA GLN A 206 -16.63 13.42 6.96
C GLN A 206 -16.33 13.21 8.43
N ARG A 207 -16.28 11.96 8.89
CA ARG A 207 -15.99 11.62 10.27
C ARG A 207 -14.52 11.80 10.63
N LEU A 208 -13.66 11.78 9.60
CA LEU A 208 -12.19 11.76 9.73
C LEU A 208 -11.61 13.11 9.31
N GLU A 209 -10.96 13.77 10.23
CA GLU A 209 -10.35 15.07 9.98
C GLU A 209 -8.90 15.03 10.40
N PHE A 210 -8.00 15.15 9.42
CA PHE A 210 -6.57 15.18 9.69
C PHE A 210 -6.08 16.58 9.75
N ASP A 211 -5.16 16.79 10.68
CA ASP A 211 -4.41 18.03 10.83
C ASP A 211 -2.96 17.71 10.40
N LEU A 212 -2.69 17.99 9.15
CA LEU A 212 -1.44 17.70 8.52
C LEU A 212 -0.31 18.58 9.07
N SER A 213 0.75 17.93 9.53
CA SER A 213 1.97 18.64 9.91
C SER A 213 3.19 17.77 9.64
N PRO A 214 4.26 18.38 9.13
CA PRO A 214 4.38 19.78 8.70
C PRO A 214 3.68 19.95 7.35
N LEU A 215 3.50 21.20 6.94
CA LEU A 215 2.88 21.52 5.67
C LEU A 215 3.69 21.04 4.45
N ASN A 216 5.01 21.24 4.47
CA ASN A 216 5.87 20.78 3.37
C ASN A 216 6.75 19.56 3.71
N LEU A 217 6.67 18.53 2.87
CA LEU A 217 7.43 17.25 3.02
C LEU A 217 8.52 17.12 1.99
N ASP A 218 9.72 16.72 2.39
CA ASP A 218 10.77 16.45 1.45
C ASP A 218 10.99 14.93 1.33
N ILE A 219 11.61 14.53 0.22
CA ILE A 219 12.10 13.17 0.02
C ILE A 219 13.09 12.91 1.14
N GLY A 220 13.17 11.65 1.58
CA GLY A 220 14.28 11.18 2.41
C GLY A 220 14.09 11.33 3.92
N GLN A 221 12.85 11.57 4.34
CA GLN A 221 12.47 11.61 5.74
C GLN A 221 11.12 10.97 5.93
N VAL A 222 10.94 10.32 7.07
CA VAL A 222 9.63 9.98 7.53
C VAL A 222 9.14 11.06 8.48
N TYR A 223 7.89 11.52 8.31
CA TYR A 223 7.33 12.58 9.15
C TYR A 223 6.21 12.02 10.01
N LYS A 224 6.14 12.45 11.26
CA LYS A 224 5.30 11.75 12.23
C LYS A 224 4.43 12.69 13.07
N GLU A 225 4.18 13.90 12.61
CA GLU A 225 3.45 14.87 13.41
C GLU A 225 1.98 15.02 13.05
N THR A 226 1.49 14.39 11.98
CA THR A 226 0.10 14.56 11.63
C THR A 226 -0.80 13.87 12.68
N ARG A 227 -1.90 14.53 13.03
CA ARG A 227 -2.91 13.99 14.00
C ARG A 227 -4.29 13.79 13.34
N LEU A 228 -5.06 12.82 13.85
CA LEU A 228 -6.44 12.51 13.39
C LEU A 228 -7.48 12.84 14.47
N PHE A 229 -8.56 13.52 14.07
CA PHE A 229 -9.71 13.76 14.89
C PHE A 229 -10.83 12.94 14.26
N LEU A 230 -11.45 12.09 15.05
CA LEU A 230 -12.57 11.24 14.62
C LEU A 230 -13.85 11.69 15.31
N ASP A 231 -14.86 12.09 14.54
CA ASP A 231 -16.10 12.61 15.11
C ASP A 231 -15.74 13.77 16.05
N GLY A 232 -14.78 14.59 15.64
CA GLY A 232 -14.44 15.82 16.36
C GLY A 232 -13.62 15.70 17.62
N GLU A 233 -13.07 14.52 17.94
CA GLU A 233 -12.17 14.36 19.07
C GLU A 233 -10.89 13.68 18.66
N GLU A 234 -9.78 14.16 19.21
CA GLU A 234 -8.48 13.73 18.81
C GLU A 234 -8.31 12.26 19.17
N GLU A 235 -7.93 11.43 18.20
CA GLU A 235 -7.66 10.02 18.45
C GLU A 235 -6.20 9.85 18.80
N LYS A 236 -5.90 9.97 20.08
CA LYS A 236 -4.51 9.99 20.54
C LYS A 236 -3.85 8.63 20.45
N GLU A 237 -4.63 7.57 20.26
CA GLU A 237 -4.05 6.23 20.11
C GLU A 237 -3.60 5.96 18.67
N TRP A 238 -3.91 6.84 17.73
CA TRP A 238 -3.42 6.68 16.36
C TRP A 238 -2.27 7.61 15.99
N ALA A 239 -1.26 7.04 15.32
CA ALA A 239 -0.16 7.79 14.75
C ALA A 239 0.00 7.45 13.28
N PHE A 240 0.63 8.36 12.56
CA PHE A 240 0.76 8.29 11.11
C PHE A 240 2.19 8.61 10.76
N GLU A 241 2.74 7.87 9.80
CA GLU A 241 4.04 8.13 9.24
C GLU A 241 3.90 8.47 7.78
N GLU A 242 4.44 9.59 7.36
CA GLU A 242 4.30 10.10 6.01
C GLU A 242 5.69 10.21 5.36
N SER A 243 5.80 9.73 4.15
CA SER A 243 7.00 9.95 3.41
C SER A 243 6.69 10.03 1.94
N LYS A 244 7.66 10.53 1.20
CA LYS A 244 7.62 10.60 -0.22
C LYS A 244 8.62 9.59 -0.73
N ILE A 245 8.14 8.52 -1.36
CA ILE A 245 9.07 7.54 -1.94
C ILE A 245 9.81 8.17 -3.12
N ASP A 246 9.17 9.02 -3.89
CA ASP A 246 9.92 9.91 -4.79
C ASP A 246 9.21 11.21 -4.80
N GLU A 247 9.59 12.12 -5.70
CA GLU A 247 9.00 13.47 -5.74
C GLU A 247 7.49 13.49 -5.92
N HIS A 248 6.90 12.43 -6.49
CA HIS A 248 5.50 12.42 -6.85
C HIS A 248 4.66 11.35 -6.23
N HIS A 249 5.22 10.53 -5.36
CA HIS A 249 4.46 9.47 -4.69
C HIS A 249 4.49 9.69 -3.19
N PHE A 250 3.32 9.78 -2.59
CA PHE A 250 3.16 9.92 -1.15
C PHE A 250 2.74 8.60 -0.56
N VAL A 251 3.35 8.20 0.56
CA VAL A 251 2.95 7.05 1.36
C VAL A 251 2.62 7.45 2.80
N ALA A 252 1.53 6.87 3.30
CA ALA A 252 1.04 7.05 4.63
C ALA A 252 0.87 5.66 5.26
N VAL A 253 1.46 5.51 6.45
CA VAL A 253 1.19 4.36 7.35
C VAL A 253 0.46 4.87 8.60
N ALA A 254 -0.64 4.22 8.92
CA ALA A 254 -1.40 4.47 10.14
C ALA A 254 -1.15 3.33 11.10
N LEU A 255 -0.97 3.67 12.38
CA LEU A 255 -0.62 2.72 13.44
C LEU A 255 -1.47 2.99 14.65
N ARG A 256 -2.17 1.98 15.14
CA ARG A 256 -2.96 2.13 16.35
C ARG A 256 -2.27 1.41 17.49
N LYS A 257 -2.08 2.12 18.60
CA LYS A 257 -1.71 1.54 19.91
C LYS A 257 -2.92 0.82 20.51
N PRO A 274 14.96 4.20 18.77
CA PRO A 274 15.50 3.06 18.03
C PRO A 274 14.67 2.65 16.79
N THR A 275 13.75 3.50 16.34
CA THR A 275 12.86 3.16 15.21
C THR A 275 13.30 3.74 13.86
N GLN A 276 13.62 2.89 12.90
CA GLN A 276 13.90 3.34 11.55
C GLN A 276 12.73 2.94 10.63
N ARG A 277 12.07 3.93 10.04
CA ARG A 277 10.80 3.76 9.36
C ARG A 277 10.83 4.07 7.87
N GLN A 278 12.00 4.37 7.32
CA GLN A 278 12.11 4.58 5.89
C GLN A 278 11.92 3.27 5.18
N PHE A 279 11.41 3.36 3.96
CA PHE A 279 11.00 2.22 3.19
C PHE A 279 12.25 1.75 2.54
N THR A 280 12.47 0.44 2.59
CA THR A 280 13.53 -0.22 1.85
C THR A 280 12.96 -0.72 0.47
N ILE A 281 13.68 -0.39 -0.58
CA ILE A 281 13.17 -0.65 -1.90
C ILE A 281 13.84 -1.95 -2.31
N LEU A 282 13.01 -2.94 -2.56
CA LEU A 282 13.44 -4.29 -2.89
C LEU A 282 13.44 -4.52 -4.39
N ASN A 283 14.17 -5.55 -4.83
CA ASN A 283 14.12 -5.99 -6.24
C ASN A 283 13.49 -7.38 -6.45
N PHE A 284 13.38 -7.85 -7.68
CA PHE A 284 12.68 -9.13 -7.85
C PHE A 284 13.37 -10.29 -7.17
N ASN A 285 14.70 -10.29 -7.23
CA ASN A 285 15.46 -11.29 -6.54
C ASN A 285 15.11 -11.36 -5.05
N ASP A 286 14.99 -10.19 -4.41
CA ASP A 286 14.59 -10.10 -3.00
C ASP A 286 13.15 -10.61 -2.77
N LEU A 287 12.22 -10.32 -3.68
CA LEU A 287 10.88 -10.91 -3.56
C LEU A 287 10.88 -12.43 -3.58
N MET A 288 11.81 -12.98 -4.35
CA MET A 288 11.92 -14.42 -4.60
C MET A 288 12.85 -15.16 -3.61
N SER A 289 13.29 -14.50 -2.56
CA SER A 289 14.29 -15.02 -1.68
C SER A 289 13.88 -16.31 -1.01
N SER A 290 12.65 -16.39 -0.53
CA SER A 290 12.14 -17.64 0.04
C SER A 290 11.12 -18.35 -0.79
N ALA A 291 10.97 -17.93 -2.04
CA ALA A 291 9.89 -18.43 -2.82
C ALA A 291 10.17 -19.83 -3.27
N VAL A 292 9.09 -20.56 -3.46
CA VAL A 292 9.11 -21.87 -4.02
C VAL A 292 7.85 -22.07 -4.87
N PRO A 293 7.92 -22.90 -5.94
CA PRO A 293 6.72 -23.10 -6.72
C PRO A 293 5.64 -23.84 -5.95
N MET A 294 4.39 -23.43 -6.14
CA MET A 294 3.27 -24.12 -5.50
C MET A 294 2.32 -24.75 -6.50
N THR A 295 2.23 -24.20 -7.71
CA THR A 295 1.45 -24.80 -8.77
C THR A 295 2.36 -25.04 -9.97
N PRO A 296 1.98 -25.93 -10.88
CA PRO A 296 2.75 -26.14 -12.11
C PRO A 296 2.79 -24.92 -13.04
N GLU A 297 3.83 -24.82 -13.89
CA GLU A 297 3.98 -23.70 -14.84
C GLU A 297 2.77 -23.52 -15.80
N ASP A 298 2.30 -22.29 -15.92
CA ASP A 298 1.05 -22.02 -16.64
C ASP A 298 1.22 -21.05 -17.81
N PRO A 299 1.37 -21.60 -19.04
CA PRO A 299 1.70 -20.79 -20.21
C PRO A 299 0.63 -19.78 -20.63
N SER A 300 -0.62 -20.02 -20.25
CA SER A 300 -1.70 -19.09 -20.53
C SER A 300 -1.43 -17.74 -19.86
N PHE A 301 -0.67 -17.75 -18.76
CA PHE A 301 -0.30 -16.51 -18.06
C PHE A 301 0.80 -15.70 -18.71
N TRP A 302 1.34 -16.18 -19.84
CA TRP A 302 2.20 -15.37 -20.68
C TRP A 302 1.39 -14.97 -21.91
N ASP A 303 1.59 -13.74 -22.40
CA ASP A 303 1.01 -13.38 -23.68
C ASP A 303 -0.52 -13.26 -23.56
N CYS A 304 -1.04 -12.82 -22.40
CA CYS A 304 -2.50 -12.68 -22.22
C CYS A 304 -3.01 -11.32 -21.67
N PHE A 305 -2.14 -10.32 -21.61
CA PHE A 305 -2.46 -9.04 -20.98
C PHE A 305 -2.31 -7.98 -22.00
N CYS A 306 -3.03 -6.88 -21.80
CA CYS A 306 -2.78 -5.66 -22.57
C CYS A 306 -1.72 -4.80 -21.90
N PHE A 307 -1.15 -3.90 -22.67
CA PHE A 307 -0.22 -2.92 -22.16
C PHE A 307 -0.67 -1.52 -22.53
N THR A 308 -0.44 -0.60 -21.61
CA THR A 308 -0.95 0.75 -21.75
C THR A 308 -0.21 1.47 -22.87
N GLU A 309 0.99 0.99 -23.19
CA GLU A 309 1.75 1.54 -24.35
C GLU A 309 1.00 1.39 -25.64
N GLU A 310 0.09 0.42 -25.75
CA GLU A 310 -0.70 0.17 -26.95
C GLU A 310 -1.80 1.24 -27.18
N ILE A 311 -2.20 1.98 -26.15
CA ILE A 311 -3.30 2.94 -26.31
C ILE A 311 -2.86 4.35 -25.91
N PRO A 312 -3.63 5.38 -26.32
CA PRO A 312 -3.39 6.74 -25.82
C PRO A 312 -3.92 6.91 -24.40
N ILE A 313 -3.08 7.39 -23.49
CA ILE A 313 -3.56 7.64 -22.12
C ILE A 313 -4.41 8.93 -22.14
N ARG A 314 -5.70 8.76 -21.80
CA ARG A 314 -6.69 9.85 -21.75
C ARG A 314 -7.63 9.69 -20.51
N ASN A 315 -8.78 10.39 -20.47
CA ASN A 315 -9.89 10.16 -19.47
C ASN A 315 -10.54 11.40 -18.90
N1A COA B . -8.99 -3.37 4.11
C2A COA B . -7.63 -3.22 4.07
N3A COA B . -6.94 -3.70 2.99
C4A COA B . -7.63 -4.34 2.02
C5A COA B . -9.01 -4.44 2.04
C6A COA B . -9.71 -3.96 3.11
N6A COA B . -11.05 -4.07 3.16
N7A COA B . -9.41 -5.07 0.92
C8A COA B . -8.32 -5.35 0.16
N9A COA B . -7.19 -4.89 0.86
C1B COA B . -5.79 -4.88 0.43
C2B COA B . -5.48 -5.88 -0.67
O2B COA B . -4.24 -6.52 -0.41
C3B COA B . -5.40 -5.02 -1.91
O3B COA B . -4.45 -5.54 -2.80
P3B COA B . -4.92 -6.65 -3.90
O7A COA B . -6.19 -6.18 -4.53
O8A COA B . -5.23 -7.93 -3.18
O9A COA B . -3.80 -6.66 -4.86
C4B COA B . -4.95 -3.71 -1.37
O4B COA B . -5.54 -3.62 -0.14
C5B COA B . -5.34 -2.55 -2.23
O5B COA B . -4.84 -1.35 -1.67
P1A COA B . -4.77 -0.12 -2.69
O1A COA B . -3.81 -0.40 -3.77
O2A COA B . -4.44 1.12 -1.90
O3A COA B . -6.22 -0.25 -3.33
P2A COA B . -7.37 0.81 -3.64
O4A COA B . -6.93 2.22 -3.26
O5A COA B . -7.72 0.70 -5.04
O6A COA B . -8.59 0.26 -2.79
CBP COA B . -9.68 -0.25 -0.71
CCP COA B . -8.74 0.68 -1.46
CDP COA B . -9.29 -1.66 -1.13
CEP COA B . -9.40 0.00 0.77
CAP COA B . -11.19 -0.10 -0.96
OAP COA B . -11.82 -0.85 0.07
C9P COA B . -11.68 1.33 -0.93
O9P COA B . -11.39 2.18 -2.00
N8P COA B . -12.33 1.82 0.12
C7P COA B . -11.88 3.02 0.83
C6P COA B . -12.25 4.25 0.02
C5P COA B . -11.79 5.53 0.68
O5P COA B . -12.41 5.92 1.64
N4P COA B . -10.77 6.20 0.13
C3P COA B . -10.15 7.36 0.77
C2P COA B . -10.78 8.63 0.22
S1P COA B . -10.20 10.17 0.99
MG MG C . -5.34 3.31 -2.16
CL CL D . -0.64 -15.63 -2.24
#